data_1KJ0
#
_entry.id   1KJ0
#
_entity_poly.entity_id   1
_entity_poly.type   'polypeptide(L)'
_entity_poly.pdbx_seq_one_letter_code
;EQECTPGQTKKQDCNTCNCTPTGVWACTRKGCPPH
;
_entity_poly.pdbx_strand_id   A
#
# COMPACT_ATOMS: atom_id res chain seq x y z
N GLU A 1 8.99 -2.12 -14.81
CA GLU A 1 9.61 -1.02 -14.03
C GLU A 1 8.68 0.20 -13.98
N GLN A 2 7.51 0.04 -13.43
CA GLN A 2 6.57 1.19 -13.35
C GLN A 2 6.78 1.97 -12.05
N GLU A 3 7.07 1.26 -11.00
CA GLU A 3 7.30 1.92 -9.68
C GLU A 3 7.57 0.87 -8.61
N CYS A 4 7.04 -0.31 -8.79
CA CYS A 4 7.27 -1.38 -7.78
C CYS A 4 6.97 -2.76 -8.38
N THR A 5 7.13 -3.81 -7.61
CA THR A 5 6.87 -5.19 -8.16
C THR A 5 6.80 -6.25 -7.03
N PRO A 6 7.82 -6.33 -6.23
CA PRO A 6 7.85 -7.34 -5.13
C PRO A 6 6.66 -7.16 -4.15
N GLY A 7 6.86 -6.48 -3.05
CA GLY A 7 5.72 -6.33 -2.10
C GLY A 7 6.08 -5.30 -1.01
N GLN A 8 6.79 -4.27 -1.36
CA GLN A 8 7.15 -3.24 -0.34
C GLN A 8 5.89 -2.72 0.34
N THR A 9 6.00 -2.17 1.51
CA THR A 9 4.79 -1.65 2.22
C THR A 9 4.74 -0.12 2.12
N LYS A 10 3.59 0.42 1.82
CA LYS A 10 3.48 1.90 1.71
C LYS A 10 2.89 2.49 3.00
N LYS A 11 3.71 3.16 3.77
CA LYS A 11 3.20 3.77 5.03
C LYS A 11 2.25 4.93 4.72
N GLN A 12 0.99 4.79 5.02
CA GLN A 12 0.03 5.89 4.73
C GLN A 12 -0.86 6.17 5.94
N ASP A 13 -0.51 5.63 7.08
CA ASP A 13 -1.33 5.88 8.30
C ASP A 13 -2.76 5.40 8.08
N CYS A 14 -3.26 4.57 8.97
CA CYS A 14 -4.66 4.03 8.86
C CYS A 14 -4.74 2.91 7.83
N ASN A 15 -3.92 2.92 6.84
CA ASN A 15 -4.00 1.84 5.82
C ASN A 15 -2.66 1.60 5.16
N THR A 16 -2.61 0.72 4.20
CA THR A 16 -1.32 0.43 3.51
C THR A 16 -1.58 0.08 2.05
N CYS A 17 -0.77 0.58 1.16
CA CYS A 17 -0.98 0.27 -0.29
C CYS A 17 -0.38 -1.09 -0.63
N ASN A 18 0.70 -1.47 0.00
CA ASN A 18 1.34 -2.78 -0.30
C ASN A 18 1.73 -2.84 -1.79
N CYS A 19 2.84 -3.44 -2.09
CA CYS A 19 3.28 -3.52 -3.51
C CYS A 19 2.89 -4.87 -4.11
N THR A 20 2.91 -4.99 -5.42
CA THR A 20 2.52 -6.31 -6.03
C THR A 20 3.34 -6.55 -7.29
N PRO A 21 3.18 -7.72 -7.84
CA PRO A 21 3.90 -8.08 -9.09
C PRO A 21 3.38 -7.24 -10.26
N THR A 22 3.42 -5.94 -10.11
CA THR A 22 2.93 -5.03 -11.18
C THR A 22 2.96 -3.58 -10.69
N GLY A 23 3.87 -3.27 -9.79
CA GLY A 23 3.95 -1.87 -9.27
C GLY A 23 2.65 -1.48 -8.57
N VAL A 24 1.62 -1.20 -9.33
CA VAL A 24 0.31 -0.77 -8.72
C VAL A 24 0.10 -1.40 -7.34
N TRP A 25 -0.18 -0.58 -6.36
CA TRP A 25 -0.39 -1.09 -4.98
C TRP A 25 -1.90 -1.18 -4.67
N ALA A 26 -2.23 -1.50 -3.45
CA ALA A 26 -3.66 -1.59 -3.05
C ALA A 26 -3.85 -0.82 -1.75
N CYS A 27 -4.46 0.33 -1.79
CA CYS A 27 -4.63 1.10 -0.54
C CYS A 27 -6.05 0.95 0.01
N THR A 28 -6.16 0.57 1.26
CA THR A 28 -7.50 0.40 1.88
C THR A 28 -7.84 1.64 2.71
N ARG A 29 -9.10 1.89 2.97
CA ARG A 29 -9.46 3.10 3.76
C ARG A 29 -10.64 2.78 4.69
N LYS A 30 -10.39 2.58 5.95
CA LYS A 30 -11.49 2.27 6.91
C LYS A 30 -11.30 3.07 8.20
N GLY A 31 -10.20 2.86 8.89
CA GLY A 31 -9.97 3.61 10.15
C GLY A 31 -8.50 3.45 10.58
N CYS A 32 -8.07 4.25 11.52
CA CYS A 32 -6.65 4.14 11.99
C CYS A 32 -6.58 3.41 13.33
N PRO A 33 -5.59 2.57 13.45
CA PRO A 33 -5.39 1.79 14.69
C PRO A 33 -4.85 2.69 15.81
N PRO A 34 -4.75 2.11 16.99
CA PRO A 34 -4.24 2.86 18.16
C PRO A 34 -2.74 3.09 18.04
N HIS A 35 -2.29 4.31 18.15
CA HIS A 35 -0.83 4.59 18.04
C HIS A 35 -0.10 4.08 19.29
N GLU A 1 11.18 2.89 -10.70
CA GLU A 1 10.86 3.22 -9.28
C GLU A 1 9.67 4.18 -9.22
N GLN A 2 8.53 3.75 -9.68
CA GLN A 2 7.32 4.65 -9.64
C GLN A 2 6.06 3.82 -9.36
N GLU A 3 6.22 2.67 -8.76
CA GLU A 3 5.04 1.82 -8.46
C GLU A 3 5.50 0.56 -7.72
N CYS A 4 6.70 0.08 -7.99
CA CYS A 4 7.23 -1.13 -7.30
C CYS A 4 6.42 -2.36 -7.71
N THR A 5 6.79 -3.54 -7.26
CA THR A 5 6.03 -4.74 -7.71
C THR A 5 6.28 -5.94 -6.77
N PRO A 6 7.53 -6.34 -6.63
CA PRO A 6 7.85 -7.50 -5.77
C PRO A 6 7.53 -7.25 -4.28
N GLY A 7 7.01 -6.11 -3.93
CA GLY A 7 6.68 -5.85 -2.50
C GLY A 7 7.71 -4.93 -1.87
N GLN A 8 7.24 -3.87 -1.25
CA GLN A 8 8.18 -2.92 -0.59
C GLN A 8 7.53 -2.30 0.65
N THR A 9 6.45 -2.89 1.09
CA THR A 9 5.74 -2.36 2.29
C THR A 9 5.78 -0.83 2.32
N LYS A 10 4.76 -0.20 1.82
CA LYS A 10 4.73 1.29 1.82
C LYS A 10 3.78 1.81 2.92
N LYS A 11 4.31 2.18 4.06
CA LYS A 11 3.44 2.68 5.15
C LYS A 11 2.98 4.11 4.83
N GLN A 12 1.73 4.41 5.06
CA GLN A 12 1.22 5.78 4.76
C GLN A 12 0.44 6.33 5.95
N ASP A 13 -0.69 5.75 6.26
CA ASP A 13 -1.50 6.25 7.40
C ASP A 13 -2.70 5.33 7.64
N CYS A 14 -3.88 5.89 7.79
CA CYS A 14 -5.09 5.07 8.04
C CYS A 14 -5.02 3.71 7.34
N ASN A 15 -4.49 3.67 6.15
CA ASN A 15 -4.42 2.38 5.42
C ASN A 15 -2.99 2.07 4.99
N THR A 16 -2.63 0.81 5.04
CA THR A 16 -1.25 0.41 4.62
C THR A 16 -1.26 0.08 3.13
N CYS A 17 -0.20 0.41 2.42
CA CYS A 17 -0.18 0.11 0.96
C CYS A 17 0.76 -1.07 0.67
N ASN A 18 0.22 -2.14 0.15
CA ASN A 18 1.07 -3.32 -0.19
C ASN A 18 1.30 -3.36 -1.70
N CYS A 19 2.52 -3.58 -2.12
CA CYS A 19 2.80 -3.62 -3.58
C CYS A 19 2.26 -4.90 -4.21
N THR A 20 1.94 -4.85 -5.47
CA THR A 20 1.42 -6.06 -6.16
C THR A 20 2.37 -6.43 -7.30
N PRO A 21 1.98 -7.39 -8.09
CA PRO A 21 2.84 -7.81 -9.23
C PRO A 21 2.76 -6.79 -10.38
N THR A 22 2.89 -5.52 -10.07
CA THR A 22 2.83 -4.47 -11.14
C THR A 22 2.63 -3.09 -10.52
N GLY A 23 3.31 -2.79 -9.45
CA GLY A 23 3.15 -1.46 -8.81
C GLY A 23 1.68 -1.19 -8.51
N VAL A 24 1.34 0.06 -8.28
CA VAL A 24 -0.08 0.45 -7.96
C VAL A 24 -0.49 -0.03 -6.56
N TRP A 25 0.36 -0.77 -5.90
CA TRP A 25 0.03 -1.26 -4.52
C TRP A 25 -1.46 -1.60 -4.40
N ALA A 26 -1.99 -1.54 -3.22
CA ALA A 26 -3.44 -1.84 -3.02
C ALA A 26 -4.06 -0.87 -2.02
N CYS A 27 -3.61 -0.90 -0.79
CA CYS A 27 -4.17 0.04 0.22
C CYS A 27 -5.68 -0.18 0.38
N THR A 28 -6.09 -0.70 1.50
CA THR A 28 -7.55 -0.95 1.71
C THR A 28 -8.24 0.36 2.13
N ARG A 29 -9.31 0.26 2.88
CA ARG A 29 -10.02 1.50 3.32
C ARG A 29 -10.50 1.35 4.77
N LYS A 30 -10.38 2.38 5.55
CA LYS A 30 -10.84 2.31 6.96
C LYS A 30 -10.60 3.64 7.67
N GLY A 31 -11.13 3.81 8.86
CA GLY A 31 -10.92 5.08 9.59
C GLY A 31 -9.62 5.00 10.38
N CYS A 32 -8.58 4.51 9.75
CA CYS A 32 -7.25 4.39 10.42
C CYS A 32 -7.38 3.51 11.67
N PRO A 33 -6.39 2.68 11.86
CA PRO A 33 -6.38 1.77 13.03
C PRO A 33 -6.08 2.49 14.36
N PRO A 34 -5.33 3.57 14.33
CA PRO A 34 -5.01 4.29 15.59
C PRO A 34 -6.23 5.09 16.08
N HIS A 35 -7.32 5.01 15.37
CA HIS A 35 -8.54 5.77 15.80
C HIS A 35 -9.37 4.93 16.77
N GLU A 1 6.09 -2.37 -13.25
CA GLU A 1 7.53 -2.74 -13.34
C GLU A 1 8.41 -1.48 -13.23
N GLN A 2 7.89 -0.35 -13.64
CA GLN A 2 8.69 0.90 -13.56
C GLN A 2 8.30 1.71 -12.31
N GLU A 3 7.42 1.18 -11.51
CA GLU A 3 7.00 1.90 -10.27
C GLU A 3 7.30 1.03 -9.05
N CYS A 4 7.16 -0.25 -9.18
CA CYS A 4 7.43 -1.17 -8.04
C CYS A 4 7.10 -2.60 -8.43
N THR A 5 7.52 -3.55 -7.64
CA THR A 5 7.24 -4.96 -7.98
C THR A 5 6.57 -5.64 -6.78
N PRO A 6 6.53 -6.95 -6.79
CA PRO A 6 5.89 -7.69 -5.68
C PRO A 6 6.88 -7.87 -4.52
N GLY A 7 6.95 -6.90 -3.64
CA GLY A 7 7.90 -7.02 -2.49
C GLY A 7 8.12 -5.64 -1.85
N GLN A 8 7.11 -4.82 -1.83
CA GLN A 8 7.28 -3.47 -1.21
C GLN A 8 6.21 -3.24 -0.15
N THR A 9 6.14 -2.07 0.40
CA THR A 9 5.11 -1.79 1.45
C THR A 9 5.20 -0.32 1.90
N LYS A 10 4.07 0.35 1.96
CA LYS A 10 4.08 1.78 2.38
C LYS A 10 3.41 1.92 3.75
N LYS A 11 3.49 3.07 4.35
CA LYS A 11 2.86 3.26 5.69
C LYS A 11 2.11 4.59 5.74
N GLN A 12 1.04 4.72 5.01
CA GLN A 12 0.27 6.00 5.03
C GLN A 12 -0.67 6.01 6.24
N ASP A 13 -1.28 7.13 6.52
CA ASP A 13 -2.21 7.21 7.69
C ASP A 13 -3.09 5.97 7.73
N CYS A 14 -2.69 4.96 8.47
CA CYS A 14 -3.50 3.71 8.59
C CYS A 14 -3.60 2.99 7.24
N ASN A 15 -4.04 3.68 6.23
CA ASN A 15 -4.21 3.01 4.93
C ASN A 15 -2.92 2.31 4.50
N THR A 16 -2.74 1.09 4.90
CA THR A 16 -1.51 0.35 4.52
C THR A 16 -1.53 0.04 3.02
N CYS A 17 -0.45 0.31 2.33
CA CYS A 17 -0.43 0.04 0.87
C CYS A 17 0.58 -1.08 0.55
N ASN A 18 0.15 -2.09 -0.16
CA ASN A 18 1.08 -3.20 -0.50
C ASN A 18 1.26 -3.26 -2.01
N CYS A 19 2.45 -3.58 -2.48
CA CYS A 19 2.69 -3.64 -3.94
C CYS A 19 2.39 -5.04 -4.47
N THR A 20 2.53 -5.23 -5.76
CA THR A 20 2.26 -6.58 -6.36
C THR A 20 3.25 -6.84 -7.50
N PRO A 21 3.09 -7.96 -8.16
CA PRO A 21 4.00 -8.31 -9.27
C PRO A 21 3.72 -7.40 -10.47
N THR A 22 3.89 -6.11 -10.28
CA THR A 22 3.65 -5.13 -11.39
C THR A 22 3.46 -3.72 -10.81
N GLY A 23 4.18 -3.39 -9.77
CA GLY A 23 4.04 -2.03 -9.17
C GLY A 23 2.62 -1.83 -8.64
N VAL A 24 2.02 -0.71 -8.94
CA VAL A 24 0.65 -0.44 -8.45
C VAL A 24 0.57 -0.68 -6.93
N TRP A 25 -0.56 -0.42 -6.35
CA TRP A 25 -0.70 -0.62 -4.87
C TRP A 25 -2.16 -0.92 -4.51
N ALA A 26 -2.53 -0.69 -3.29
CA ALA A 26 -3.94 -0.96 -2.87
C ALA A 26 -4.14 -0.57 -1.41
N CYS A 27 -4.42 0.67 -1.15
CA CYS A 27 -4.62 1.07 0.26
C CYS A 27 -6.08 0.86 0.67
N THR A 28 -6.32 0.54 1.92
CA THR A 28 -7.71 0.31 2.37
C THR A 28 -8.11 1.34 3.43
N ARG A 29 -9.01 2.23 3.11
CA ARG A 29 -9.44 3.26 4.10
C ARG A 29 -10.55 2.71 4.99
N LYS A 30 -10.21 2.32 6.19
CA LYS A 30 -11.24 1.78 7.11
C LYS A 30 -10.60 1.35 8.43
N GLY A 31 -10.52 2.23 9.39
CA GLY A 31 -9.89 1.86 10.70
C GLY A 31 -8.90 2.96 11.10
N CYS A 32 -9.30 4.20 11.02
CA CYS A 32 -8.38 5.30 11.40
C CYS A 32 -9.08 6.65 11.25
N PRO A 33 -8.46 7.66 11.80
CA PRO A 33 -9.03 9.03 11.74
C PRO A 33 -8.77 9.65 10.36
N PRO A 34 -9.81 10.22 9.82
CA PRO A 34 -9.70 10.87 8.48
C PRO A 34 -8.94 12.20 8.59
N HIS A 35 -9.64 13.27 8.84
CA HIS A 35 -8.95 14.59 8.95
C HIS A 35 -7.91 14.75 7.84
N GLU A 1 8.97 2.74 -17.43
CA GLU A 1 7.75 2.20 -16.77
C GLU A 1 8.14 1.31 -15.59
N GLN A 2 7.99 1.80 -14.39
CA GLN A 2 8.34 0.97 -13.19
C GLN A 2 8.01 1.73 -11.90
N GLU A 3 7.36 1.08 -10.98
CA GLU A 3 7.01 1.77 -9.70
C GLU A 3 7.38 0.88 -8.51
N CYS A 4 6.75 -0.26 -8.40
CA CYS A 4 7.04 -1.18 -7.26
C CYS A 4 6.54 -2.59 -7.60
N THR A 5 6.93 -3.56 -6.84
CA THR A 5 6.47 -4.95 -7.15
C THR A 5 6.73 -5.90 -5.96
N PRO A 6 7.96 -6.01 -5.55
CA PRO A 6 8.29 -6.91 -4.42
C PRO A 6 7.85 -6.31 -3.08
N GLY A 7 6.61 -5.95 -2.96
CA GLY A 7 6.12 -5.38 -1.67
C GLY A 7 7.14 -4.37 -1.12
N GLN A 8 7.04 -3.13 -1.49
CA GLN A 8 7.99 -2.11 -0.97
C GLN A 8 7.39 -1.40 0.24
N THR A 9 6.32 -1.92 0.76
CA THR A 9 5.68 -1.30 1.95
C THR A 9 5.24 0.14 1.63
N LYS A 10 4.14 0.56 2.17
CA LYS A 10 3.66 1.95 1.92
C LYS A 10 3.12 2.56 3.23
N LYS A 11 2.44 1.77 4.01
CA LYS A 11 1.89 2.28 5.31
C LYS A 11 0.82 3.34 5.06
N GLN A 12 1.20 4.55 4.75
CA GLN A 12 0.19 5.62 4.51
C GLN A 12 -0.88 5.57 5.61
N ASP A 13 -0.65 6.27 6.69
CA ASP A 13 -1.65 6.27 7.80
C ASP A 13 -1.89 4.83 8.27
N CYS A 14 -3.06 4.54 8.76
CA CYS A 14 -3.35 3.16 9.24
C CYS A 14 -3.87 2.30 8.09
N ASN A 15 -3.52 2.63 6.88
CA ASN A 15 -4.01 1.83 5.72
C ASN A 15 -2.82 1.35 4.88
N THR A 16 -2.47 0.09 4.99
CA THR A 16 -1.34 -0.43 4.18
C THR A 16 -1.76 -0.59 2.72
N CYS A 17 -0.97 -0.11 1.80
CA CYS A 17 -1.34 -0.23 0.37
C CYS A 17 -0.94 -1.61 -0.17
N ASN A 18 0.03 -2.25 0.44
CA ASN A 18 0.46 -3.58 -0.05
C ASN A 18 0.74 -3.53 -1.56
N CYS A 19 1.97 -3.29 -1.94
CA CYS A 19 2.29 -3.22 -3.38
C CYS A 19 1.74 -4.45 -4.11
N THR A 20 1.82 -4.46 -5.42
CA THR A 20 1.32 -5.63 -6.18
C THR A 20 2.37 -6.05 -7.21
N PRO A 21 2.14 -7.16 -7.84
CA PRO A 21 3.10 -7.68 -8.85
C PRO A 21 3.07 -6.82 -10.13
N THR A 22 3.18 -5.52 -9.98
CA THR A 22 3.18 -4.61 -11.16
C THR A 22 2.99 -3.16 -10.70
N GLY A 23 3.56 -2.82 -9.57
CA GLY A 23 3.42 -1.43 -9.05
C GLY A 23 1.96 -0.99 -9.17
N VAL A 24 1.21 -1.13 -8.10
CA VAL A 24 -0.22 -0.72 -8.13
C VAL A 24 -0.75 -0.62 -6.71
N TRP A 25 -0.31 -1.48 -5.83
CA TRP A 25 -0.78 -1.44 -4.41
C TRP A 25 -2.30 -1.64 -4.34
N ALA A 26 -2.83 -1.71 -3.16
CA ALA A 26 -4.30 -1.90 -2.99
C ALA A 26 -4.84 -0.88 -1.99
N CYS A 27 -4.26 -0.83 -0.82
CA CYS A 27 -4.72 0.14 0.20
C CYS A 27 -6.18 -0.15 0.59
N THR A 28 -6.45 -0.29 1.85
CA THR A 28 -7.85 -0.56 2.30
C THR A 28 -8.58 0.75 2.60
N ARG A 29 -8.07 1.84 2.09
CA ARG A 29 -8.73 3.15 2.35
C ARG A 29 -8.78 3.43 3.86
N LYS A 30 -8.84 4.67 4.25
CA LYS A 30 -8.88 5.00 5.69
C LYS A 30 -7.85 4.14 6.45
N GLY A 31 -8.28 3.05 7.03
CA GLY A 31 -7.31 2.18 7.76
C GLY A 31 -7.45 2.39 9.28
N CYS A 32 -7.49 3.62 9.73
CA CYS A 32 -7.61 3.87 11.19
C CYS A 32 -9.06 4.08 11.59
N PRO A 33 -9.61 3.09 12.25
CA PRO A 33 -11.02 3.16 12.70
C PRO A 33 -11.15 4.08 13.92
N PRO A 34 -12.34 4.59 14.11
CA PRO A 34 -12.60 5.50 15.24
C PRO A 34 -12.67 4.72 16.55
N HIS A 35 -12.99 3.45 16.48
CA HIS A 35 -13.08 2.64 17.72
C HIS A 35 -11.68 2.32 18.25
N GLU A 1 5.28 1.77 -18.68
CA GLU A 1 4.37 0.70 -18.19
C GLU A 1 4.98 0.01 -16.97
N GLN A 2 5.10 0.72 -15.87
CA GLN A 2 5.68 0.11 -14.64
C GLN A 2 5.53 1.06 -13.46
N GLU A 3 4.94 0.61 -12.39
CA GLU A 3 4.76 1.50 -11.19
C GLU A 3 5.61 0.98 -10.03
N CYS A 4 5.65 -0.31 -9.85
CA CYS A 4 6.46 -0.89 -8.74
C CYS A 4 6.35 -2.42 -8.74
N THR A 5 7.34 -3.08 -8.21
CA THR A 5 7.30 -4.57 -8.13
C THR A 5 8.46 -5.09 -7.27
N PRO A 6 8.58 -4.55 -6.07
CA PRO A 6 9.66 -4.98 -5.16
C PRO A 6 9.15 -6.07 -4.22
N GLY A 7 8.18 -5.74 -3.40
CA GLY A 7 7.64 -6.73 -2.44
C GLY A 7 7.64 -6.12 -1.04
N GLN A 8 7.27 -4.87 -0.92
CA GLN A 8 7.26 -4.22 0.42
C GLN A 8 5.82 -3.86 0.82
N THR A 9 5.66 -2.76 1.50
CA THR A 9 4.29 -2.34 1.93
C THR A 9 4.22 -0.82 2.01
N LYS A 10 3.45 -0.29 2.91
CA LYS A 10 3.35 1.20 3.03
C LYS A 10 2.53 1.58 4.27
N LYS A 11 3.19 1.99 5.32
CA LYS A 11 2.45 2.36 6.56
C LYS A 11 1.58 3.61 6.29
N GLN A 12 2.17 4.65 5.77
CA GLN A 12 1.39 5.89 5.50
C GLN A 12 0.47 6.18 6.68
N ASP A 13 -0.69 6.74 6.43
CA ASP A 13 -1.62 7.04 7.56
C ASP A 13 -2.05 5.73 8.21
N CYS A 14 -3.32 5.56 8.49
CA CYS A 14 -3.77 4.29 9.13
C CYS A 14 -4.12 3.26 8.05
N ASN A 15 -3.61 3.45 6.86
CA ASN A 15 -3.91 2.48 5.77
C ASN A 15 -2.62 1.85 5.24
N THR A 16 -2.51 0.55 5.32
CA THR A 16 -1.26 -0.12 4.82
C THR A 16 -1.47 -0.60 3.38
N CYS A 17 -0.50 -0.38 2.52
CA CYS A 17 -0.65 -0.83 1.10
C CYS A 17 0.40 -1.90 0.78
N ASN A 18 0.45 -2.33 -0.46
CA ASN A 18 1.45 -3.37 -0.84
C ASN A 18 1.62 -3.42 -2.37
N CYS A 19 2.80 -3.16 -2.86
CA CYS A 19 3.03 -3.19 -4.34
C CYS A 19 2.66 -4.57 -4.91
N THR A 20 2.53 -4.68 -6.21
CA THR A 20 2.17 -5.99 -6.81
C THR A 20 3.06 -6.30 -8.01
N PRO A 21 2.85 -7.45 -8.59
CA PRO A 21 3.64 -7.86 -9.77
C PRO A 21 3.17 -7.09 -11.01
N THR A 22 3.13 -5.78 -10.92
CA THR A 22 2.68 -4.97 -12.09
C THR A 22 2.46 -3.51 -11.66
N GLY A 23 3.18 -3.05 -10.66
CA GLY A 23 3.02 -1.65 -10.20
C GLY A 23 1.58 -1.37 -9.75
N VAL A 24 1.20 -1.86 -8.61
CA VAL A 24 -0.19 -1.59 -8.12
C VAL A 24 -0.23 -1.71 -6.60
N TRP A 25 -1.17 -1.06 -5.96
CA TRP A 25 -1.26 -1.14 -4.47
C TRP A 25 -2.72 -1.34 -4.06
N ALA A 26 -2.96 -1.89 -2.90
CA ALA A 26 -4.36 -2.11 -2.45
C ALA A 26 -4.81 -1.00 -1.49
N CYS A 27 -4.04 -0.76 -0.47
CA CYS A 27 -4.41 0.31 0.50
C CYS A 27 -5.79 0.02 1.10
N THR A 28 -5.86 -0.38 2.33
CA THR A 28 -7.18 -0.67 2.96
C THR A 28 -8.12 0.52 2.76
N ARG A 29 -7.73 1.68 3.23
CA ARG A 29 -8.61 2.88 3.07
C ARG A 29 -9.97 2.62 3.74
N LYS A 30 -10.21 3.24 4.87
CA LYS A 30 -11.51 3.03 5.57
C LYS A 30 -11.60 3.90 6.82
N GLY A 31 -10.51 4.07 7.52
CA GLY A 31 -10.54 4.91 8.75
C GLY A 31 -9.15 4.93 9.39
N CYS A 32 -9.07 5.33 10.64
CA CYS A 32 -7.74 5.38 11.32
C CYS A 32 -7.93 5.32 12.84
N PRO A 33 -7.56 4.21 13.41
CA PRO A 33 -7.69 4.03 14.88
C PRO A 33 -6.64 4.85 15.62
N PRO A 34 -6.76 4.87 16.92
CA PRO A 34 -5.83 5.64 17.76
C PRO A 34 -4.48 4.90 17.86
N HIS A 35 -4.45 3.65 17.48
CA HIS A 35 -3.17 2.89 17.56
C HIS A 35 -2.08 3.57 16.72
N GLU A 1 0.87 0.30 -15.38
CA GLU A 1 1.65 1.21 -14.50
C GLU A 1 3.03 0.59 -14.18
N GLN A 2 3.91 1.37 -13.62
CA GLN A 2 5.25 0.82 -13.28
C GLN A 2 5.84 1.60 -12.11
N GLU A 3 6.23 0.92 -11.07
CA GLU A 3 6.81 1.64 -9.90
C GLU A 3 7.23 0.64 -8.82
N CYS A 4 6.55 -0.46 -8.73
CA CYS A 4 6.90 -1.49 -7.70
C CYS A 4 6.51 -2.88 -8.20
N THR A 5 6.93 -3.90 -7.52
CA THR A 5 6.59 -5.28 -7.99
C THR A 5 6.79 -6.31 -6.87
N PRO A 6 7.97 -6.38 -6.32
CA PRO A 6 8.25 -7.36 -5.24
C PRO A 6 7.70 -6.89 -3.88
N GLY A 7 6.65 -6.10 -3.87
CA GLY A 7 6.08 -5.64 -2.57
C GLY A 7 7.10 -4.78 -1.82
N GLN A 8 7.00 -3.49 -1.93
CA GLN A 8 7.95 -2.59 -1.21
C GLN A 8 7.39 -2.21 0.15
N THR A 9 6.17 -2.59 0.41
CA THR A 9 5.55 -2.28 1.72
C THR A 9 5.70 -0.79 2.07
N LYS A 10 4.63 -0.04 1.99
CA LYS A 10 4.71 1.41 2.33
C LYS A 10 4.41 1.60 3.82
N LYS A 11 4.32 2.82 4.26
CA LYS A 11 4.02 3.07 5.70
C LYS A 11 2.68 3.81 5.83
N GLN A 12 2.42 4.72 4.93
CA GLN A 12 1.14 5.48 4.97
C GLN A 12 0.73 5.79 6.42
N ASP A 13 -0.54 5.74 6.72
CA ASP A 13 -0.99 6.03 8.10
C ASP A 13 -1.88 4.90 8.63
N CYS A 14 -3.18 5.08 8.61
CA CYS A 14 -4.08 4.00 9.12
C CYS A 14 -4.31 2.93 8.04
N ASN A 15 -3.77 3.13 6.87
CA ASN A 15 -3.95 2.13 5.79
C ASN A 15 -2.61 1.77 5.15
N THR A 16 -2.24 0.52 5.21
CA THR A 16 -0.94 0.09 4.61
C THR A 16 -1.12 -0.17 3.10
N CYS A 17 -0.16 0.19 2.31
CA CYS A 17 -0.29 -0.03 0.84
C CYS A 17 0.45 -1.29 0.42
N ASN A 18 -0.24 -2.27 -0.11
CA ASN A 18 0.43 -3.52 -0.55
C ASN A 18 0.80 -3.42 -2.04
N CYS A 19 2.03 -3.69 -2.37
CA CYS A 19 2.46 -3.61 -3.78
C CYS A 19 2.41 -5.00 -4.43
N THR A 20 1.92 -5.09 -5.64
CA THR A 20 1.82 -6.41 -6.32
C THR A 20 2.94 -6.55 -7.34
N PRO A 21 2.88 -7.60 -8.14
CA PRO A 21 3.93 -7.81 -9.18
C PRO A 21 3.71 -6.85 -10.37
N THR A 22 3.46 -5.59 -10.09
CA THR A 22 3.23 -4.60 -11.16
C THR A 22 2.90 -3.24 -10.55
N GLY A 23 3.43 -2.97 -9.38
CA GLY A 23 3.16 -1.66 -8.70
C GLY A 23 1.65 -1.43 -8.61
N VAL A 24 1.23 -0.19 -8.65
CA VAL A 24 -0.23 0.16 -8.56
C VAL A 24 -0.70 0.13 -7.10
N TRP A 25 -0.13 -0.71 -6.27
CA TRP A 25 -0.56 -0.77 -4.85
C TRP A 25 -2.09 -0.80 -4.75
N ALA A 26 -2.61 -0.69 -3.56
CA ALA A 26 -4.09 -0.71 -3.39
C ALA A 26 -4.47 -0.01 -2.09
N CYS A 27 -3.92 -0.43 -0.99
CA CYS A 27 -4.23 0.21 0.31
C CYS A 27 -5.72 0.04 0.65
N THR A 28 -6.01 -0.57 1.78
CA THR A 28 -7.43 -0.77 2.16
C THR A 28 -8.01 0.53 2.74
N ARG A 29 -9.22 0.50 3.20
CA ARG A 29 -9.82 1.75 3.78
C ARG A 29 -10.93 1.39 4.75
N LYS A 30 -10.67 1.45 6.04
CA LYS A 30 -11.71 1.12 7.04
C LYS A 30 -11.90 2.29 8.02
N GLY A 31 -10.96 3.20 8.06
CA GLY A 31 -11.10 4.36 8.99
C GLY A 31 -9.71 4.83 9.44
N CYS A 32 -9.57 6.09 9.71
CA CYS A 32 -8.24 6.61 10.16
C CYS A 32 -8.43 7.77 11.14
N PRO A 33 -8.15 7.50 12.38
CA PRO A 33 -8.29 8.53 13.45
C PRO A 33 -7.17 9.57 13.34
N PRO A 34 -7.36 10.66 14.04
CA PRO A 34 -6.35 11.75 14.04
C PRO A 34 -5.11 11.35 14.86
N HIS A 35 -4.38 10.38 14.40
CA HIS A 35 -3.17 9.94 15.16
C HIS A 35 -3.56 9.48 16.56
N GLU A 1 8.07 4.74 -14.60
CA GLU A 1 9.02 3.59 -14.67
C GLU A 1 9.48 3.22 -13.25
N GLN A 2 8.57 3.12 -12.33
CA GLN A 2 8.97 2.76 -10.93
C GLN A 2 7.77 2.87 -9.99
N GLU A 3 6.91 1.89 -9.99
CA GLU A 3 5.73 1.92 -9.08
C GLU A 3 5.73 0.67 -8.21
N CYS A 4 6.87 0.04 -8.06
CA CYS A 4 6.99 -1.20 -7.22
C CYS A 4 6.60 -2.44 -8.01
N THR A 5 6.68 -3.59 -7.40
CA THR A 5 6.35 -4.85 -8.12
C THR A 5 6.37 -6.07 -7.17
N PRO A 6 7.49 -6.28 -6.50
CA PRO A 6 7.62 -7.45 -5.58
C PRO A 6 6.59 -7.43 -4.43
N GLY A 7 6.51 -6.38 -3.67
CA GLY A 7 5.53 -6.39 -2.55
C GLY A 7 6.20 -5.87 -1.27
N GLN A 8 6.91 -4.77 -1.35
CA GLN A 8 7.60 -4.23 -0.15
C GLN A 8 6.57 -3.84 0.93
N THR A 9 6.20 -2.60 1.01
CA THR A 9 5.22 -2.16 2.04
C THR A 9 5.13 -0.63 2.05
N LYS A 10 4.00 -0.08 2.42
CA LYS A 10 3.87 1.40 2.42
C LYS A 10 3.13 1.86 3.68
N LYS A 11 3.65 2.83 4.37
CA LYS A 11 2.98 3.34 5.61
C LYS A 11 2.12 4.56 5.27
N GLN A 12 1.27 4.44 4.29
CA GLN A 12 0.40 5.59 3.91
C GLN A 12 -0.55 5.94 5.06
N ASP A 13 -0.25 6.97 5.79
CA ASP A 13 -1.13 7.37 6.92
C ASP A 13 -1.60 6.13 7.70
N CYS A 14 -2.84 5.74 7.56
CA CYS A 14 -3.32 4.53 8.31
C CYS A 14 -3.68 3.42 7.33
N ASN A 15 -3.70 3.70 6.06
CA ASN A 15 -4.06 2.65 5.06
C ASN A 15 -2.81 2.19 4.30
N THR A 16 -2.26 1.08 4.68
CA THR A 16 -1.05 0.57 3.97
C THR A 16 -1.38 0.33 2.49
N CYS A 17 -0.45 0.57 1.62
CA CYS A 17 -0.72 0.36 0.16
C CYS A 17 -0.35 -1.06 -0.25
N ASN A 18 0.61 -1.65 0.42
CA ASN A 18 1.02 -3.03 0.06
C ASN A 18 1.45 -3.09 -1.41
N CYS A 19 2.70 -3.34 -1.67
CA CYS A 19 3.18 -3.39 -3.07
C CYS A 19 2.70 -4.69 -3.73
N THR A 20 2.38 -4.64 -5.00
CA THR A 20 1.90 -5.89 -5.68
C THR A 20 2.74 -6.19 -6.92
N PRO A 21 2.48 -7.33 -7.50
CA PRO A 21 3.22 -7.78 -8.71
C PRO A 21 2.86 -6.90 -9.91
N THR A 22 2.99 -5.62 -9.77
CA THR A 22 2.67 -4.67 -10.89
C THR A 22 2.53 -3.25 -10.32
N GLY A 23 3.35 -2.91 -9.36
CA GLY A 23 3.27 -1.56 -8.76
C GLY A 23 1.80 -1.19 -8.51
N VAL A 24 1.53 0.05 -8.20
CA VAL A 24 0.13 0.50 -7.92
C VAL A 24 -0.33 0.04 -6.53
N TRP A 25 0.41 -0.83 -5.90
CA TRP A 25 0.02 -1.30 -4.54
C TRP A 25 -1.49 -1.51 -4.45
N ALA A 26 -2.06 -1.33 -3.30
CA ALA A 26 -3.53 -1.51 -3.14
C ALA A 26 -4.11 -0.36 -2.33
N CYS A 27 -3.62 -0.15 -1.14
CA CYS A 27 -4.14 0.95 -0.29
C CYS A 27 -5.64 0.79 -0.07
N THR A 28 -6.04 0.29 1.06
CA THR A 28 -7.49 0.10 1.32
C THR A 28 -7.91 0.92 2.55
N ARG A 29 -9.01 1.61 2.47
CA ARG A 29 -9.46 2.42 3.64
C ARG A 29 -10.36 1.59 4.56
N LYS A 30 -10.08 1.61 5.84
CA LYS A 30 -10.92 0.81 6.79
C LYS A 30 -10.54 1.15 8.24
N GLY A 31 -9.28 1.31 8.51
CA GLY A 31 -8.85 1.65 9.90
C GLY A 31 -8.75 3.17 10.05
N CYS A 32 -8.35 3.64 11.20
CA CYS A 32 -8.24 5.11 11.41
C CYS A 32 -9.52 5.81 10.98
N PRO A 33 -9.47 7.12 10.98
CA PRO A 33 -10.65 7.93 10.60
C PRO A 33 -10.64 8.21 9.09
N PRO A 34 -11.78 8.02 8.49
CA PRO A 34 -11.91 8.25 7.03
C PRO A 34 -11.97 9.76 6.74
N HIS A 35 -13.14 10.32 6.67
CA HIS A 35 -13.26 11.79 6.39
C HIS A 35 -13.96 12.49 7.55
N GLU A 1 9.80 1.90 -15.38
CA GLU A 1 8.90 0.79 -15.79
C GLU A 1 8.84 -0.27 -14.69
N GLN A 2 8.63 0.14 -13.46
CA GLN A 2 8.56 -0.84 -12.35
C GLN A 2 8.37 -0.12 -11.01
N GLU A 3 7.39 0.76 -10.94
CA GLU A 3 7.15 1.49 -9.66
C GLU A 3 7.09 0.50 -8.49
N CYS A 4 6.77 -0.73 -8.77
CA CYS A 4 6.69 -1.76 -7.68
C CYS A 4 6.49 -3.15 -8.30
N THR A 5 6.70 -4.18 -7.53
CA THR A 5 6.53 -5.56 -8.08
C THR A 5 6.55 -6.61 -6.95
N PRO A 6 7.62 -6.65 -6.20
CA PRO A 6 7.74 -7.64 -5.10
C PRO A 6 6.68 -7.42 -4.02
N GLY A 7 6.32 -6.19 -3.73
CA GLY A 7 5.28 -5.96 -2.68
C GLY A 7 5.91 -5.27 -1.47
N GLN A 8 6.59 -4.18 -1.67
CA GLN A 8 7.20 -3.46 -0.52
C GLN A 8 6.11 -3.02 0.46
N THR A 9 6.25 -1.86 1.03
CA THR A 9 5.22 -1.37 1.99
C THR A 9 5.48 0.10 2.36
N LYS A 10 4.90 1.00 1.63
CA LYS A 10 5.11 2.45 1.93
C LYS A 10 4.17 2.88 3.07
N LYS A 11 4.69 3.57 4.05
CA LYS A 11 3.81 4.00 5.18
C LYS A 11 3.13 5.33 4.86
N GLN A 12 1.91 5.49 5.28
CA GLN A 12 1.17 6.75 5.01
C GLN A 12 0.14 6.99 6.12
N ASP A 13 -0.58 5.97 6.47
CA ASP A 13 -1.60 6.10 7.55
C ASP A 13 -2.04 4.70 8.01
N CYS A 14 -3.29 4.55 8.37
CA CYS A 14 -3.76 3.20 8.81
C CYS A 14 -4.07 2.34 7.58
N ASN A 15 -3.76 2.83 6.41
CA ASN A 15 -4.06 2.04 5.17
C ASN A 15 -2.76 1.75 4.41
N THR A 16 -2.20 0.58 4.58
CA THR A 16 -0.94 0.25 3.86
C THR A 16 -1.21 0.07 2.36
N CYS A 17 -0.48 0.75 1.53
CA CYS A 17 -0.70 0.62 0.06
C CYS A 17 -0.20 -0.75 -0.43
N ASN A 18 0.74 -1.32 0.26
CA ASN A 18 1.29 -2.67 -0.12
C ASN A 18 1.45 -2.80 -1.64
N CYS A 19 2.66 -2.75 -2.11
CA CYS A 19 2.92 -2.91 -3.57
C CYS A 19 2.28 -4.20 -4.09
N THR A 20 1.90 -4.24 -5.35
CA THR A 20 1.27 -5.49 -5.88
C THR A 20 2.29 -6.22 -6.77
N PRO A 21 1.94 -7.42 -7.17
CA PRO A 21 2.85 -8.23 -8.04
C PRO A 21 2.91 -7.66 -9.46
N THR A 22 3.19 -6.39 -9.58
CA THR A 22 3.28 -5.75 -10.94
C THR A 22 3.20 -4.23 -10.78
N GLY A 23 3.78 -3.70 -9.73
CA GLY A 23 3.73 -2.22 -9.53
C GLY A 23 2.39 -1.83 -8.91
N VAL A 24 2.07 -0.57 -8.95
CA VAL A 24 0.77 -0.11 -8.38
C VAL A 24 0.61 -0.55 -6.93
N TRP A 25 -0.27 0.07 -6.20
CA TRP A 25 -0.49 -0.32 -4.78
C TRP A 25 -1.99 -0.42 -4.51
N ALA A 26 -2.37 -0.96 -3.38
CA ALA A 26 -3.83 -1.10 -3.07
C ALA A 26 -4.26 -0.01 -2.08
N CYS A 27 -3.68 0.01 -0.91
CA CYS A 27 -4.06 1.04 0.09
C CYS A 27 -5.52 0.85 0.50
N THR A 28 -5.77 0.07 1.50
CA THR A 28 -7.18 -0.16 1.95
C THR A 28 -7.56 0.83 3.05
N ARG A 29 -8.67 1.50 2.90
CA ARG A 29 -9.11 2.48 3.93
C ARG A 29 -10.49 2.10 4.47
N LYS A 30 -10.55 1.65 5.70
CA LYS A 30 -11.87 1.25 6.28
C LYS A 30 -11.93 1.67 7.75
N GLY A 31 -11.05 2.53 8.18
CA GLY A 31 -11.07 2.98 9.60
C GLY A 31 -9.67 2.87 10.19
N CYS A 32 -9.13 3.94 10.71
CA CYS A 32 -7.77 3.90 11.30
C CYS A 32 -7.86 3.67 12.81
N PRO A 33 -7.54 2.47 13.21
CA PRO A 33 -7.58 2.10 14.65
C PRO A 33 -6.41 2.74 15.41
N PRO A 34 -6.72 3.31 16.54
CA PRO A 34 -5.69 3.95 17.38
C PRO A 34 -4.81 2.90 18.08
N HIS A 35 -5.39 1.79 18.45
CA HIS A 35 -4.59 0.73 19.13
C HIS A 35 -3.89 -0.14 18.09
N GLU A 1 9.58 3.43 -11.89
CA GLU A 1 10.28 2.16 -11.52
C GLU A 1 9.28 1.00 -11.47
N GLN A 2 8.53 0.81 -12.51
CA GLN A 2 7.54 -0.30 -12.52
C GLN A 2 6.47 -0.07 -11.45
N GLU A 3 6.17 1.17 -11.16
CA GLU A 3 5.14 1.50 -10.12
C GLU A 3 5.18 0.48 -8.98
N CYS A 4 6.37 0.03 -8.65
CA CYS A 4 6.58 -0.97 -7.54
C CYS A 4 6.55 -2.40 -8.09
N THR A 5 6.93 -3.35 -7.30
CA THR A 5 6.95 -4.76 -7.77
C THR A 5 7.34 -5.72 -6.64
N PRO A 6 8.50 -5.49 -6.06
CA PRO A 6 9.00 -6.38 -4.97
C PRO A 6 8.26 -6.18 -3.64
N GLY A 7 6.98 -5.90 -3.65
CA GLY A 7 6.25 -5.73 -2.36
C GLY A 7 6.87 -4.62 -1.53
N GLN A 8 6.70 -3.39 -1.93
CA GLN A 8 7.29 -2.26 -1.14
C GLN A 8 6.22 -1.68 -0.21
N THR A 9 5.51 -2.53 0.50
CA THR A 9 4.45 -2.03 1.42
C THR A 9 4.93 -0.78 2.15
N LYS A 10 4.16 0.27 2.12
CA LYS A 10 4.57 1.52 2.83
C LYS A 10 3.49 1.95 3.82
N LYS A 11 3.41 1.31 4.95
CA LYS A 11 2.38 1.69 5.96
C LYS A 11 2.49 3.18 6.27
N GLN A 12 1.84 4.02 5.51
CA GLN A 12 1.91 5.47 5.76
C GLN A 12 1.01 5.86 6.95
N ASP A 13 -0.28 5.76 6.78
CA ASP A 13 -1.20 6.14 7.90
C ASP A 13 -2.37 5.13 7.98
N CYS A 14 -3.59 5.60 7.86
CA CYS A 14 -4.74 4.66 7.94
C CYS A 14 -4.72 3.67 6.78
N ASN A 15 -4.13 4.03 5.68
CA ASN A 15 -4.09 3.10 4.52
C ASN A 15 -2.71 2.47 4.34
N THR A 16 -2.64 1.17 4.33
CA THR A 16 -1.33 0.48 4.16
C THR A 16 -1.23 -0.07 2.74
N CYS A 17 -0.91 0.78 1.80
CA CYS A 17 -0.82 0.34 0.38
C CYS A 17 0.14 -0.86 0.23
N ASN A 18 -0.30 -1.87 -0.49
CA ASN A 18 0.57 -3.06 -0.70
C ASN A 18 0.93 -3.17 -2.19
N CYS A 19 2.18 -3.39 -2.49
CA CYS A 19 2.59 -3.49 -3.92
C CYS A 19 2.29 -4.87 -4.47
N THR A 20 2.33 -5.04 -5.77
CA THR A 20 2.05 -6.38 -6.35
C THR A 20 3.14 -6.73 -7.37
N PRO A 21 3.04 -7.91 -7.92
CA PRO A 21 4.03 -8.37 -8.92
C PRO A 21 3.82 -7.63 -10.25
N THR A 22 3.80 -6.32 -10.21
CA THR A 22 3.59 -5.52 -11.44
C THR A 22 3.23 -4.09 -11.04
N GLY A 23 3.95 -3.52 -10.11
CA GLY A 23 3.64 -2.14 -9.66
C GLY A 23 2.25 -2.09 -9.03
N VAL A 24 1.52 -1.02 -9.27
CA VAL A 24 0.14 -0.89 -8.69
C VAL A 24 0.16 -1.18 -7.19
N TRP A 25 -0.92 -0.90 -6.51
CA TRP A 25 -0.98 -1.14 -5.05
C TRP A 25 -2.39 -1.56 -4.63
N ALA A 26 -2.65 -1.61 -3.35
CA ALA A 26 -4.01 -1.98 -2.88
C ALA A 26 -4.52 -0.92 -1.91
N CYS A 27 -3.88 -0.80 -0.77
CA CYS A 27 -4.30 0.23 0.23
C CYS A 27 -5.68 -0.12 0.81
N THR A 28 -5.98 0.43 1.96
CA THR A 28 -7.29 0.16 2.61
C THR A 28 -7.68 1.35 3.49
N ARG A 29 -8.93 1.71 3.53
CA ARG A 29 -9.34 2.87 4.37
C ARG A 29 -10.28 2.43 5.50
N LYS A 30 -11.26 3.24 5.81
CA LYS A 30 -12.22 2.88 6.90
C LYS A 30 -11.55 3.06 8.27
N GLY A 31 -11.14 4.26 8.59
CA GLY A 31 -10.49 4.50 9.91
C GLY A 31 -9.06 3.94 9.88
N CYS A 32 -8.27 4.31 10.85
CA CYS A 32 -6.86 3.81 10.90
C CYS A 32 -6.71 2.81 12.05
N PRO A 33 -6.74 1.55 11.72
CA PRO A 33 -6.62 0.48 12.74
C PRO A 33 -5.17 0.39 13.25
N PRO A 34 -5.01 0.70 14.51
CA PRO A 34 -3.66 0.64 15.13
C PRO A 34 -3.22 -0.81 15.32
N HIS A 35 -3.62 -1.43 16.39
CA HIS A 35 -3.23 -2.85 16.63
C HIS A 35 -3.35 -3.66 15.33
N GLU A 1 8.59 0.42 -18.35
CA GLU A 1 7.70 0.84 -17.22
C GLU A 1 8.25 0.32 -15.89
N GLN A 2 8.07 1.08 -14.85
CA GLN A 2 8.58 0.62 -13.52
C GLN A 2 7.84 1.38 -12.39
N GLU A 3 7.41 0.67 -11.40
CA GLU A 3 6.68 1.34 -10.26
C GLU A 3 7.06 0.66 -8.95
N CYS A 4 6.77 -0.59 -8.85
CA CYS A 4 7.08 -1.37 -7.62
C CYS A 4 6.71 -2.83 -7.86
N THR A 5 7.13 -3.71 -7.01
CA THR A 5 6.80 -5.14 -7.24
C THR A 5 6.78 -5.92 -5.91
N PRO A 6 7.91 -5.98 -5.25
CA PRO A 6 7.96 -6.71 -3.95
C PRO A 6 7.08 -6.03 -2.90
N GLY A 7 6.02 -6.68 -2.51
CA GLY A 7 5.10 -6.09 -1.49
C GLY A 7 5.89 -5.57 -0.30
N GLN A 8 6.25 -4.32 -0.31
CA GLN A 8 7.01 -3.76 0.83
C GLN A 8 6.09 -2.87 1.68
N THR A 9 4.85 -2.76 1.29
CA THR A 9 3.90 -1.93 2.05
C THR A 9 4.40 -0.49 2.16
N LYS A 10 3.50 0.45 2.29
CA LYS A 10 3.94 1.88 2.39
C LYS A 10 3.57 2.42 3.78
N LYS A 11 3.31 3.70 3.87
CA LYS A 11 2.94 4.27 5.19
C LYS A 11 2.11 5.54 5.00
N GLN A 12 0.92 5.41 4.49
CA GLN A 12 0.06 6.60 4.28
C GLN A 12 -0.95 6.74 5.43
N ASP A 13 -0.55 6.40 6.62
CA ASP A 13 -1.48 6.51 7.78
C ASP A 13 -2.70 5.61 7.56
N CYS A 14 -2.80 4.55 8.30
CA CYS A 14 -3.98 3.63 8.13
C CYS A 14 -3.94 2.95 6.77
N ASN A 15 -4.13 3.70 5.72
CA ASN A 15 -4.11 3.10 4.35
C ASN A 15 -2.76 2.43 4.07
N THR A 16 -2.67 1.15 4.32
CA THR A 16 -1.37 0.44 4.05
C THR A 16 -1.33 -0.01 2.59
N CYS A 17 -0.75 0.77 1.73
CA CYS A 17 -0.69 0.39 0.29
C CYS A 17 0.13 -0.88 0.09
N ASN A 18 -0.48 -1.93 -0.39
CA ASN A 18 0.26 -3.20 -0.63
C ASN A 18 0.70 -3.25 -2.09
N CYS A 19 1.93 -3.63 -2.36
CA CYS A 19 2.39 -3.66 -3.77
C CYS A 19 2.28 -5.07 -4.35
N THR A 20 2.22 -5.19 -5.64
CA THR A 20 2.10 -6.53 -6.28
C THR A 20 3.16 -6.66 -7.38
N PRO A 21 3.19 -7.78 -8.03
CA PRO A 21 4.18 -8.00 -9.12
C PRO A 21 3.86 -7.10 -10.32
N THR A 22 3.74 -5.81 -10.10
CA THR A 22 3.44 -4.86 -11.20
C THR A 22 3.03 -3.51 -10.60
N GLY A 23 3.78 -3.02 -9.66
CA GLY A 23 3.42 -1.70 -9.02
C GLY A 23 1.90 -1.63 -8.81
N VAL A 24 1.29 -0.55 -9.22
CA VAL A 24 -0.19 -0.39 -9.07
C VAL A 24 -0.61 -0.27 -7.59
N TRP A 25 -0.12 -1.13 -6.73
CA TRP A 25 -0.50 -1.06 -5.29
C TRP A 25 -2.02 -1.23 -5.12
N ALA A 26 -2.53 -0.95 -3.96
CA ALA A 26 -4.00 -1.09 -3.73
C ALA A 26 -4.45 -0.13 -2.63
N CYS A 27 -3.82 -0.18 -1.50
CA CYS A 27 -4.20 0.73 -0.38
C CYS A 27 -5.62 0.40 0.11
N THR A 28 -5.84 0.49 1.39
CA THR A 28 -7.19 0.20 1.95
C THR A 28 -7.56 1.25 3.00
N ARG A 29 -8.50 2.10 2.71
CA ARG A 29 -8.90 3.14 3.70
C ARG A 29 -10.06 2.62 4.57
N LYS A 30 -9.93 2.72 5.87
CA LYS A 30 -11.02 2.24 6.76
C LYS A 30 -10.67 2.51 8.23
N GLY A 31 -9.46 2.20 8.63
CA GLY A 31 -9.06 2.45 10.03
C GLY A 31 -7.55 2.37 10.16
N CYS A 32 -7.01 2.68 11.31
CA CYS A 32 -5.53 2.63 11.50
C CYS A 32 -5.16 1.53 12.49
N PRO A 33 -4.62 0.47 11.96
CA PRO A 33 -4.20 -0.68 12.81
C PRO A 33 -2.93 -0.32 13.58
N PRO A 34 -2.88 -0.75 14.81
CA PRO A 34 -1.70 -0.48 15.68
C PRO A 34 -0.51 -1.33 15.22
N HIS A 35 -0.77 -2.45 14.60
CA HIS A 35 0.36 -3.32 14.14
C HIS A 35 0.26 -3.55 12.63
#